data_1PK1
#
_entry.id   1PK1
#
_cell.length_a   30.277
_cell.length_b   46.866
_cell.length_c   123.987
_cell.angle_alpha   90.00
_cell.angle_beta   90.72
_cell.angle_gamma   90.00
#
_symmetry.space_group_name_H-M   'P 1 21 1'
#
loop_
_entity.id
_entity.type
_entity.pdbx_description
1 polymer 'Polyhomeotic-proximal chromatin protein'
2 polymer 'Sex comb on midleg CG9495-PA'
3 water water
#
loop_
_entity_poly.entity_id
_entity_poly.type
_entity_poly.pdbx_seq_one_letter_code
_entity_poly.pdbx_strand_id
1 'polypeptide(L)'
;MEKTRVNGTDRPPISSWSVDDVSNFIRELPGCQDYVDDFIQQEIDGQALLLLKEKHLVNA(MSE)G(MSE)KLGPARKIV
AKVESIKEVRDHHHHHH
;
A,C
2 'polypeptide(L)'
;MEKTRANSHLRSQPIDWTIEEVIQYIESNDNSLAVHGDLFRKHEIDGKALLRLNSERMMKYMGLKLGPALKICNLVNKVN
GRDHHHHHH
;
B,D
#
# COMPACT_ATOMS: atom_id res chain seq x y z
N PRO A 12 1.25 17.74 14.09
CA PRO A 12 0.55 17.31 15.32
C PRO A 12 0.89 15.87 15.71
N PRO A 13 0.81 15.55 17.01
CA PRO A 13 1.11 14.20 17.50
C PRO A 13 0.06 13.24 16.96
N ILE A 14 0.44 11.97 16.76
CA ILE A 14 -0.53 11.01 16.26
C ILE A 14 -1.69 10.91 17.22
N SER A 15 -1.41 11.07 18.51
CA SER A 15 -2.44 10.99 19.54
C SER A 15 -3.56 12.00 19.29
N SER A 16 -3.30 13.02 18.48
CA SER A 16 -4.31 14.02 18.19
C SER A 16 -5.03 13.76 16.86
N TRP A 17 -4.55 12.77 16.11
CA TRP A 17 -5.15 12.45 14.81
C TRP A 17 -6.59 11.95 14.91
N SER A 18 -7.43 12.41 13.99
CA SER A 18 -8.82 11.98 13.94
C SER A 18 -8.86 10.73 13.08
N VAL A 19 -10.05 10.15 12.92
CA VAL A 19 -10.19 8.97 12.08
C VAL A 19 -9.86 9.38 10.65
N ASP A 20 -10.23 10.61 10.27
CA ASP A 20 -9.94 11.08 8.93
C ASP A 20 -8.45 11.25 8.68
N ASP A 21 -7.73 11.75 9.68
CA ASP A 21 -6.29 11.91 9.55
C ASP A 21 -5.67 10.54 9.33
N VAL A 22 -6.14 9.56 10.07
CA VAL A 22 -5.62 8.19 9.93
C VAL A 22 -5.95 7.66 8.54
N SER A 23 -7.17 7.89 8.09
CA SER A 23 -7.57 7.42 6.75
C SER A 23 -6.65 7.98 5.67
N ASN A 24 -6.32 9.27 5.77
CA ASN A 24 -5.45 9.90 4.78
C ASN A 24 -4.07 9.27 4.86
N PHE A 25 -3.58 9.08 6.08
CA PHE A 25 -2.27 8.49 6.29
C PHE A 25 -2.18 7.11 5.63
N ILE A 26 -3.19 6.27 5.87
CA ILE A 26 -3.22 4.93 5.29
C ILE A 26 -3.35 4.90 3.77
N ARG A 27 -4.35 5.62 3.25
CA ARG A 27 -4.56 5.63 1.80
C ARG A 27 -3.35 6.11 1.03
N GLU A 28 -2.59 7.02 1.62
CA GLU A 28 -1.40 7.59 0.98
C GLU A 28 -0.09 6.84 1.24
N LEU A 29 -0.17 5.80 2.06
CA LEU A 29 1.01 4.99 2.38
C LEU A 29 1.47 4.34 1.08
N PRO A 30 2.69 4.68 0.58
CA PRO A 30 3.14 4.07 -0.66
C PRO A 30 3.17 2.54 -0.62
N GLY A 31 2.56 1.93 -1.63
CA GLY A 31 2.50 0.47 -1.70
C GLY A 31 1.59 0.04 -2.83
N CYS A 32 1.52 -1.27 -3.05
CA CYS A 32 0.72 -1.83 -4.14
C CYS A 32 -0.75 -2.08 -3.83
N GLN A 33 -1.19 -1.77 -2.61
CA GLN A 33 -2.59 -1.97 -2.23
C GLN A 33 -3.10 -0.74 -1.48
N ASP A 34 -4.39 -0.75 -1.14
CA ASP A 34 -5.03 0.36 -0.43
C ASP A 34 -5.83 -0.21 0.75
N TYR A 35 -5.47 0.17 1.96
CA TYR A 35 -6.15 -0.37 3.14
C TYR A 35 -7.07 0.62 3.83
N VAL A 36 -7.39 1.73 3.17
CA VAL A 36 -8.23 2.74 3.80
C VAL A 36 -9.59 2.24 4.28
N ASP A 37 -10.29 1.45 3.46
CA ASP A 37 -11.62 0.95 3.83
C ASP A 37 -11.56 0.12 5.11
N ASP A 38 -10.51 -0.69 5.21
CA ASP A 38 -10.29 -1.54 6.37
C ASP A 38 -10.23 -0.70 7.65
N PHE A 39 -9.51 0.42 7.58
CA PHE A 39 -9.38 1.30 8.72
C PHE A 39 -10.64 2.09 9.02
N ILE A 40 -11.30 2.61 8.00
CA ILE A 40 -12.53 3.37 8.20
C ILE A 40 -13.61 2.52 8.87
N GLN A 41 -13.69 1.25 8.48
CA GLN A 41 -14.66 0.31 9.03
C GLN A 41 -14.45 0.10 10.52
N GLN A 42 -13.20 0.19 10.97
CA GLN A 42 -12.89 -0.05 12.37
C GLN A 42 -12.76 1.20 13.25
N GLU A 43 -13.11 2.36 12.69
CA GLU A 43 -13.07 3.63 13.43
C GLU A 43 -11.72 3.83 14.12
N ILE A 44 -10.65 3.70 13.34
CA ILE A 44 -9.30 3.86 13.87
C ILE A 44 -8.87 5.34 13.86
N ASP A 45 -8.84 5.96 15.04
CA ASP A 45 -8.37 7.34 15.15
C ASP A 45 -6.92 7.29 15.61
N GLY A 46 -6.32 8.44 15.89
CA GLY A 46 -4.93 8.47 16.31
C GLY A 46 -4.60 7.65 17.53
N GLN A 47 -5.44 7.76 18.56
CA GLN A 47 -5.25 7.01 19.79
C GLN A 47 -5.24 5.52 19.49
N ALA A 48 -6.22 5.08 18.71
CA ALA A 48 -6.32 3.66 18.35
C ALA A 48 -5.14 3.22 17.49
N LEU A 49 -4.71 4.09 16.57
CA LEU A 49 -3.60 3.75 15.69
C LEU A 49 -2.34 3.45 16.52
N LEU A 50 -2.14 4.21 17.58
CA LEU A 50 -0.99 4.00 18.46
C LEU A 50 -1.06 2.65 19.18
N LEU A 51 -2.28 2.16 19.40
CA LEU A 51 -2.50 0.89 20.09
C LEU A 51 -2.58 -0.30 19.13
N LEU A 52 -2.72 -0.02 17.85
CA LEU A 52 -2.85 -1.05 16.83
C LEU A 52 -1.52 -1.76 16.55
N LYS A 53 -1.47 -3.06 16.81
CA LYS A 53 -0.27 -3.83 16.58
C LYS A 53 -0.51 -4.97 15.58
N GLU A 54 0.56 -5.61 15.13
CA GLU A 54 0.45 -6.68 14.17
C GLU A 54 -0.61 -7.73 14.51
N LYS A 55 -0.70 -8.13 15.77
CA LYS A 55 -1.69 -9.13 16.16
C LYS A 55 -3.11 -8.68 15.82
N HIS A 56 -3.39 -7.39 15.98
CA HIS A 56 -4.72 -6.85 15.70
C HIS A 56 -4.99 -6.75 14.20
N LEU A 57 -4.02 -6.20 13.46
CA LEU A 57 -4.17 -6.06 12.02
C LEU A 57 -4.33 -7.41 11.35
N VAL A 58 -3.56 -8.39 11.80
CA VAL A 58 -3.61 -9.73 11.22
C VAL A 58 -4.77 -10.58 11.73
N ASN A 59 -4.81 -10.82 13.03
CA ASN A 59 -5.84 -11.66 13.62
C ASN A 59 -7.25 -11.07 13.74
N ALA A 60 -7.38 -9.76 13.66
CA ALA A 60 -8.70 -9.14 13.76
C ALA A 60 -9.16 -8.53 12.44
N MSE A 61 -8.25 -7.85 11.74
CA MSE A 61 -8.58 -7.20 10.49
C MSE A 61 -8.23 -8.03 9.26
O MSE A 61 -8.48 -7.63 8.14
CB MSE A 61 -7.90 -5.82 10.44
CG MSE A 61 -8.43 -4.88 11.52
SE MSE A 61 -7.54 -3.17 11.63
CE MSE A 61 -7.35 -2.87 9.70
N GLY A 62 -7.65 -9.20 9.50
CA GLY A 62 -7.30 -10.10 8.41
C GLY A 62 -6.22 -9.64 7.44
N MSE A 63 -5.35 -8.76 7.87
CA MSE A 63 -4.27 -8.29 7.00
C MSE A 63 -3.15 -9.32 7.01
O MSE A 63 -3.06 -10.15 7.92
CB MSE A 63 -3.72 -6.95 7.49
CG MSE A 63 -4.67 -5.79 7.39
SE MSE A 63 -3.73 -4.13 7.64
CE MSE A 63 -2.08 -4.62 6.87
N LYS A 64 -2.31 -9.28 5.98
CA LYS A 64 -1.16 -10.18 5.92
C LYS A 64 -0.12 -9.59 6.86
N LEU A 65 0.73 -10.43 7.43
CA LEU A 65 1.73 -9.96 8.39
C LEU A 65 2.74 -8.95 7.82
N GLY A 66 3.19 -9.15 6.59
CA GLY A 66 4.15 -8.22 6.01
C GLY A 66 3.64 -6.79 6.04
N PRO A 67 2.48 -6.54 5.41
CA PRO A 67 1.88 -5.20 5.36
C PRO A 67 1.61 -4.66 6.76
N ALA A 68 1.12 -5.53 7.64
CA ALA A 68 0.81 -5.15 9.02
C ALA A 68 2.06 -4.65 9.74
N ARG A 69 3.14 -5.41 9.63
CA ARG A 69 4.38 -5.02 10.28
C ARG A 69 4.88 -3.66 9.79
N LYS A 70 4.77 -3.43 8.48
CA LYS A 70 5.23 -2.18 7.90
C LYS A 70 4.40 -0.99 8.36
N ILE A 71 3.10 -1.18 8.51
CA ILE A 71 2.26 -0.10 8.98
C ILE A 71 2.65 0.24 10.41
N VAL A 72 2.69 -0.78 11.26
CA VAL A 72 3.06 -0.59 12.67
C VAL A 72 4.42 0.11 12.76
N ALA A 73 5.34 -0.28 11.89
CA ALA A 73 6.68 0.31 11.88
C ALA A 73 6.66 1.78 11.45
N LYS A 74 5.81 2.11 10.48
CA LYS A 74 5.70 3.48 10.01
C LYS A 74 5.17 4.34 11.14
N VAL A 75 4.13 3.87 11.80
CA VAL A 75 3.55 4.60 12.91
C VAL A 75 4.62 4.90 13.97
N GLU A 76 5.37 3.89 14.39
CA GLU A 76 6.40 4.09 15.39
C GLU A 76 7.49 5.06 14.94
N SER A 77 7.80 5.05 13.65
CA SER A 77 8.84 5.94 13.12
C SER A 77 8.37 7.39 13.17
N ILE A 78 7.11 7.61 12.83
CA ILE A 78 6.51 8.94 12.83
C ILE A 78 6.49 9.52 14.24
N LYS A 79 6.15 8.69 15.21
CA LYS A 79 6.08 9.12 16.59
C LYS A 79 7.48 9.35 17.16
N ARG B 11 -14.29 7.06 46.28
CA ARG B 11 -13.07 6.35 46.78
C ARG B 11 -13.10 4.87 46.47
N SER B 12 -14.31 4.32 46.27
CA SER B 12 -14.43 2.89 45.98
C SER B 12 -13.56 2.52 44.80
N GLN B 13 -13.01 1.30 44.84
CA GLN B 13 -12.13 0.82 43.79
C GLN B 13 -12.86 -0.01 42.71
N PRO B 14 -12.22 -0.20 41.54
CA PRO B 14 -12.70 -0.93 40.35
C PRO B 14 -13.67 -2.11 40.49
N ILE B 15 -13.22 -3.21 41.06
CA ILE B 15 -14.07 -4.39 41.19
C ILE B 15 -15.43 -4.13 41.84
N ASP B 16 -15.54 -3.06 42.62
CA ASP B 16 -16.79 -2.73 43.29
C ASP B 16 -17.54 -1.59 42.61
N TRP B 17 -17.11 -1.22 41.42
CA TRP B 17 -17.74 -0.13 40.69
C TRP B 17 -19.13 -0.48 40.15
N THR B 18 -20.01 0.52 40.13
CA THR B 18 -21.35 0.35 39.60
C THR B 18 -21.22 0.63 38.10
N ILE B 19 -22.29 0.39 37.35
CA ILE B 19 -22.28 0.64 35.93
C ILE B 19 -21.96 2.12 35.65
N GLU B 20 -22.57 3.02 36.42
CA GLU B 20 -22.31 4.44 36.20
C GLU B 20 -20.87 4.83 36.53
N GLU B 21 -20.29 4.19 37.54
CA GLU B 21 -18.91 4.48 37.91
C GLU B 21 -17.96 4.03 36.80
N VAL B 22 -18.29 2.91 36.16
CA VAL B 22 -17.46 2.41 35.06
C VAL B 22 -17.55 3.38 33.88
N ILE B 23 -18.75 3.86 33.60
CA ILE B 23 -18.93 4.80 32.51
C ILE B 23 -18.21 6.11 32.79
N GLN B 24 -18.25 6.56 34.05
CA GLN B 24 -17.56 7.79 34.44
C GLN B 24 -16.06 7.62 34.24
N TYR B 25 -15.54 6.44 34.58
CA TYR B 25 -14.11 6.17 34.42
C TYR B 25 -13.72 6.26 32.95
N ILE B 26 -14.44 5.53 32.10
CA ILE B 26 -14.16 5.54 30.68
C ILE B 26 -14.26 6.95 30.09
N GLU B 27 -15.38 7.60 30.32
CA GLU B 27 -15.61 8.95 29.79
C GLU B 27 -14.71 10.05 30.34
N SER B 28 -14.37 9.99 31.63
CA SER B 28 -13.52 11.02 32.21
C SER B 28 -12.07 10.86 31.78
N ASN B 29 -11.73 9.68 31.26
CA ASN B 29 -10.36 9.44 30.82
C ASN B 29 -10.20 9.53 29.31
N ASP B 30 -11.28 9.27 28.57
CA ASP B 30 -11.25 9.32 27.12
C ASP B 30 -12.61 9.79 26.62
N ASN B 31 -12.75 11.10 26.45
CA ASN B 31 -14.00 11.69 26.00
C ASN B 31 -14.55 11.17 24.67
N SER B 32 -13.68 10.62 23.82
CA SER B 32 -14.09 10.11 22.51
C SER B 32 -14.91 8.81 22.61
N LEU B 33 -14.92 8.22 23.79
CA LEU B 33 -15.64 6.96 24.02
C LEU B 33 -17.03 7.18 24.64
N ALA B 34 -17.34 8.43 24.98
CA ALA B 34 -18.64 8.73 25.60
C ALA B 34 -19.85 8.33 24.75
N VAL B 35 -19.70 8.32 23.43
CA VAL B 35 -20.79 7.93 22.55
C VAL B 35 -21.23 6.48 22.82
N HIS B 36 -20.32 5.71 23.41
CA HIS B 36 -20.61 4.31 23.70
C HIS B 36 -21.15 4.08 25.09
N GLY B 37 -21.38 5.17 25.83
CA GLY B 37 -21.90 5.05 27.18
C GLY B 37 -23.15 4.22 27.34
N ASP B 38 -24.13 4.44 26.48
CA ASP B 38 -25.39 3.71 26.56
C ASP B 38 -25.20 2.22 26.27
N LEU B 39 -24.18 1.88 25.50
CA LEU B 39 -23.91 0.48 25.18
C LEU B 39 -23.45 -0.19 26.47
N PHE B 40 -22.67 0.52 27.27
CA PHE B 40 -22.21 0.00 28.55
C PHE B 40 -23.38 -0.20 29.48
N ARG B 41 -24.37 0.71 29.40
CA ARG B 41 -25.56 0.59 30.23
C ARG B 41 -26.37 -0.63 29.77
N LYS B 42 -26.52 -0.74 28.45
CA LYS B 42 -27.26 -1.84 27.83
C LYS B 42 -26.68 -3.20 28.23
N HIS B 43 -25.36 -3.31 28.22
CA HIS B 43 -24.70 -4.56 28.57
C HIS B 43 -24.43 -4.72 30.06
N GLU B 44 -24.89 -3.73 30.84
CA GLU B 44 -24.75 -3.75 32.29
C GLU B 44 -23.32 -4.00 32.71
N ILE B 45 -22.41 -3.18 32.17
CA ILE B 45 -20.99 -3.32 32.46
C ILE B 45 -20.63 -2.62 33.77
N ASP B 46 -20.67 -3.36 34.87
CA ASP B 46 -20.30 -2.81 36.16
C ASP B 46 -18.83 -3.13 36.35
N GLY B 47 -18.29 -2.81 37.53
CA GLY B 47 -16.89 -3.09 37.80
C GLY B 47 -16.44 -4.50 37.49
N LYS B 48 -17.16 -5.50 38.02
CA LYS B 48 -16.78 -6.89 37.76
C LYS B 48 -16.79 -7.21 36.27
N ALA B 49 -17.79 -6.72 35.55
CA ALA B 49 -17.90 -6.96 34.13
C ALA B 49 -16.78 -6.28 33.34
N LEU B 50 -16.43 -5.05 33.75
CA LEU B 50 -15.38 -4.30 33.07
C LEU B 50 -14.05 -5.07 33.04
N LEU B 51 -13.65 -5.57 34.21
CA LEU B 51 -12.41 -6.31 34.33
C LEU B 51 -12.43 -7.62 33.56
N ARG B 52 -13.64 -8.06 33.20
CA ARG B 52 -13.82 -9.32 32.48
C ARG B 52 -13.93 -9.13 30.96
N LEU B 53 -13.86 -7.88 30.51
CA LEU B 53 -13.96 -7.58 29.08
C LEU B 53 -12.67 -7.83 28.31
N ASN B 54 -12.81 -8.01 26.99
CA ASN B 54 -11.69 -8.16 26.08
C ASN B 54 -12.18 -7.72 24.70
N SER B 55 -11.26 -7.45 23.78
CA SER B 55 -11.63 -6.97 22.45
C SER B 55 -12.57 -7.91 21.69
N GLU B 56 -12.33 -9.20 21.77
CA GLU B 56 -13.19 -10.16 21.08
C GLU B 56 -14.63 -10.06 21.55
N ARG B 57 -14.82 -10.02 22.86
CA ARG B 57 -16.17 -9.92 23.44
C ARG B 57 -16.81 -8.58 23.07
N MET B 58 -16.02 -7.51 23.08
CA MET B 58 -16.55 -6.19 22.74
C MET B 58 -16.99 -6.12 21.28
N MET B 59 -16.21 -6.73 20.39
CA MET B 59 -16.55 -6.69 18.98
C MET B 59 -17.69 -7.63 18.64
N LYS B 60 -17.60 -8.85 19.16
CA LYS B 60 -18.61 -9.86 18.88
C LYS B 60 -19.94 -9.67 19.59
N TYR B 61 -19.90 -9.30 20.87
CA TYR B 61 -21.12 -9.15 21.64
C TYR B 61 -21.67 -7.74 21.84
N MET B 62 -20.81 -6.74 21.87
CA MET B 62 -21.28 -5.38 22.07
C MET B 62 -21.33 -4.59 20.77
N GLY B 63 -20.81 -5.18 19.70
CA GLY B 63 -20.82 -4.52 18.40
C GLY B 63 -19.87 -3.35 18.25
N LEU B 64 -18.89 -3.27 19.15
CA LEU B 64 -17.91 -2.18 19.09
C LEU B 64 -16.90 -2.48 17.97
N LYS B 65 -16.43 -1.43 17.31
CA LYS B 65 -15.43 -1.60 16.26
C LYS B 65 -14.07 -1.72 16.95
N LEU B 66 -13.04 -2.16 16.21
CA LEU B 66 -11.73 -2.37 16.80
C LEU B 66 -11.11 -1.15 17.47
N GLY B 67 -11.23 0.02 16.83
CA GLY B 67 -10.65 1.24 17.39
C GLY B 67 -11.12 1.45 18.82
N PRO B 68 -12.44 1.59 19.00
CA PRO B 68 -13.02 1.80 20.32
C PRO B 68 -12.67 0.66 21.28
N ALA B 69 -12.70 -0.58 20.78
CA ALA B 69 -12.39 -1.72 21.65
C ALA B 69 -10.95 -1.63 22.19
N LEU B 70 -10.01 -1.30 21.32
CA LEU B 70 -8.62 -1.19 21.74
C LEU B 70 -8.43 -0.06 22.76
N LYS B 71 -9.13 1.06 22.57
CA LYS B 71 -9.02 2.18 23.51
C LYS B 71 -9.59 1.79 24.87
N ILE B 72 -10.70 1.05 24.86
CA ILE B 72 -11.33 0.62 26.09
C ILE B 72 -10.42 -0.38 26.80
N CYS B 73 -9.84 -1.31 26.05
CA CYS B 73 -8.94 -2.30 26.64
C CYS B 73 -7.77 -1.59 27.30
N ASN B 74 -7.30 -0.52 26.66
CA ASN B 74 -6.18 0.25 27.19
C ASN B 74 -6.53 0.82 28.56
N LEU B 75 -7.76 1.31 28.70
CA LEU B 75 -8.22 1.86 29.98
C LEU B 75 -8.46 0.75 31.01
N VAL B 76 -8.99 -0.38 30.54
CA VAL B 76 -9.26 -1.51 31.43
C VAL B 76 -7.95 -2.00 32.05
N ASN B 77 -6.92 -2.15 31.21
CA ASN B 77 -5.63 -2.62 31.67
C ASN B 77 -5.05 -1.79 32.81
N LYS B 78 -5.31 -0.49 32.80
CA LYS B 78 -4.81 0.40 33.84
C LYS B 78 -5.36 0.10 35.22
N VAL B 79 -6.59 -0.39 35.29
CA VAL B 79 -7.22 -0.68 36.58
C VAL B 79 -7.36 -2.16 36.89
N ASN B 80 -6.73 -3.01 36.07
CA ASN B 80 -6.80 -4.45 36.27
C ASN B 80 -5.50 -5.00 36.82
N PRO C 13 20.63 6.86 -7.01
CA PRO C 13 20.40 7.21 -8.42
C PRO C 13 19.58 6.11 -9.09
N ILE C 14 18.28 6.33 -9.19
CA ILE C 14 17.37 5.35 -9.79
C ILE C 14 17.81 4.88 -11.18
N SER C 15 18.23 5.82 -12.03
CA SER C 15 18.66 5.47 -13.38
C SER C 15 19.74 4.37 -13.42
N SER C 16 20.50 4.24 -12.34
CA SER C 16 21.54 3.24 -12.27
C SER C 16 21.07 1.93 -11.63
N TRP C 17 19.90 1.95 -11.03
CA TRP C 17 19.33 0.76 -10.38
C TRP C 17 19.20 -0.43 -11.32
N SER C 18 19.51 -1.61 -10.80
CA SER C 18 19.40 -2.85 -11.56
C SER C 18 17.99 -3.40 -11.37
N VAL C 19 17.69 -4.51 -12.04
CA VAL C 19 16.39 -5.14 -11.89
C VAL C 19 16.31 -5.60 -10.43
N ASP C 20 17.44 -6.05 -9.91
CA ASP C 20 17.50 -6.50 -8.53
C ASP C 20 17.21 -5.35 -7.57
N ASP C 21 17.81 -4.19 -7.83
CA ASP C 21 17.59 -3.03 -6.99
C ASP C 21 16.11 -2.67 -6.96
N VAL C 22 15.49 -2.66 -8.13
CA VAL C 22 14.07 -2.34 -8.23
C VAL C 22 13.19 -3.36 -7.49
N SER C 23 13.50 -4.64 -7.63
CA SER C 23 12.70 -5.65 -6.95
C SER C 23 12.80 -5.47 -5.44
N ASN C 24 13.99 -5.07 -4.96
CA ASN C 24 14.18 -4.86 -3.52
C ASN C 24 13.38 -3.65 -3.07
N PHE C 25 13.35 -2.62 -3.92
CA PHE C 25 12.60 -1.40 -3.64
C PHE C 25 11.10 -1.72 -3.54
N ILE C 26 10.60 -2.50 -4.49
CA ILE C 26 9.18 -2.87 -4.52
C ILE C 26 8.82 -3.82 -3.38
N ARG C 27 9.69 -4.79 -3.14
CA ARG C 27 9.45 -5.77 -2.09
C ARG C 27 9.28 -5.11 -0.72
N GLU C 28 10.11 -4.10 -0.45
CA GLU C 28 10.08 -3.40 0.83
C GLU C 28 8.78 -2.65 1.08
N LEU C 29 8.10 -2.25 0.01
CA LEU C 29 6.84 -1.53 0.14
C LEU C 29 5.75 -2.45 0.65
N PRO C 30 4.82 -1.93 1.46
CA PRO C 30 3.77 -2.82 1.95
C PRO C 30 2.76 -3.20 0.87
N GLY C 31 2.34 -4.46 0.90
CA GLY C 31 1.34 -4.94 -0.06
C GLY C 31 1.79 -5.29 -1.46
N CYS C 32 3.09 -5.30 -1.70
CA CYS C 32 3.59 -5.62 -3.04
C CYS C 32 4.10 -7.05 -3.17
N GLN C 33 3.82 -7.90 -2.19
CA GLN C 33 4.29 -9.28 -2.24
C GLN C 33 3.90 -10.04 -3.50
N ASP C 34 2.71 -9.76 -4.03
CA ASP C 34 2.28 -10.45 -5.24
C ASP C 34 2.61 -9.72 -6.54
N TYR C 35 3.39 -8.65 -6.46
CA TYR C 35 3.77 -7.89 -7.65
C TYR C 35 5.28 -7.89 -7.89
N VAL C 36 6.06 -8.12 -6.83
CA VAL C 36 7.51 -8.11 -6.95
C VAL C 36 7.99 -9.04 -8.06
N ASP C 37 7.42 -10.24 -8.14
CA ASP C 37 7.84 -11.20 -9.17
C ASP C 37 7.58 -10.66 -10.58
N ASP C 38 6.50 -9.88 -10.75
CA ASP C 38 6.17 -9.30 -12.05
C ASP C 38 7.17 -8.23 -12.44
N PHE C 39 7.67 -7.48 -11.47
CA PHE C 39 8.65 -6.46 -11.78
C PHE C 39 9.90 -7.14 -12.31
N ILE C 40 10.28 -8.24 -11.65
CA ILE C 40 11.45 -9.02 -12.03
C ILE C 40 11.26 -9.66 -13.40
N GLN C 41 10.13 -10.31 -13.60
CA GLN C 41 9.86 -10.97 -14.86
C GLN C 41 9.75 -10.01 -16.04
N GLN C 42 9.22 -8.83 -15.80
CA GLN C 42 9.07 -7.82 -16.86
C GLN C 42 10.37 -7.04 -17.05
N GLU C 43 11.42 -7.46 -16.36
CA GLU C 43 12.73 -6.83 -16.45
C GLU C 43 12.73 -5.33 -16.22
N ILE C 44 12.04 -4.90 -15.18
CA ILE C 44 11.97 -3.50 -14.83
C ILE C 44 13.20 -3.07 -14.05
N ASP C 45 14.15 -2.40 -14.72
CA ASP C 45 15.33 -1.91 -14.02
C ASP C 45 15.07 -0.44 -13.73
N GLY C 46 16.07 0.24 -13.17
CA GLY C 46 15.91 1.64 -12.83
C GLY C 46 15.39 2.49 -13.97
N GLN C 47 15.99 2.33 -15.15
CA GLN C 47 15.60 3.08 -16.33
C GLN C 47 14.11 2.87 -16.63
N ALA C 48 13.69 1.61 -16.64
CA ALA C 48 12.31 1.27 -16.92
C ALA C 48 11.37 1.77 -15.82
N LEU C 49 11.82 1.67 -14.57
CA LEU C 49 11.01 2.13 -13.44
C LEU C 49 10.66 3.61 -13.60
N LEU C 50 11.64 4.39 -14.06
CA LEU C 50 11.43 5.83 -14.27
C LEU C 50 10.45 6.12 -15.40
N LEU C 51 10.28 5.18 -16.33
CA LEU C 51 9.38 5.36 -17.46
C LEU C 51 7.98 4.80 -17.23
N LEU C 52 7.85 4.00 -16.18
CA LEU C 52 6.58 3.38 -15.84
C LEU C 52 5.51 4.43 -15.54
N LYS C 53 4.31 4.26 -16.10
CA LYS C 53 3.19 5.17 -15.87
C LYS C 53 2.07 4.34 -15.23
N GLU C 54 1.09 5.01 -14.62
CA GLU C 54 -0.01 4.31 -13.98
C GLU C 54 -0.66 3.30 -14.93
N LYS C 55 -0.82 3.70 -16.19
CA LYS C 55 -1.43 2.86 -17.20
C LYS C 55 -0.73 1.51 -17.35
N HIS C 56 0.59 1.51 -17.25
CA HIS C 56 1.37 0.29 -17.38
C HIS C 56 1.17 -0.66 -16.19
N LEU C 57 1.12 -0.10 -14.98
CA LEU C 57 0.96 -0.91 -13.79
C LEU C 57 -0.45 -1.53 -13.73
N VAL C 58 -1.44 -0.77 -14.17
CA VAL C 58 -2.81 -1.27 -14.16
C VAL C 58 -3.05 -2.34 -15.22
N ASN C 59 -2.68 -2.05 -16.46
CA ASN C 59 -2.89 -2.99 -17.55
C ASN C 59 -1.91 -4.15 -17.70
N ALA C 60 -0.65 -3.95 -17.32
CA ALA C 60 0.34 -5.01 -17.45
C ALA C 60 0.50 -5.87 -16.20
N MSE C 61 0.18 -5.31 -15.03
CA MSE C 61 0.32 -6.06 -13.79
C MSE C 61 -0.98 -6.30 -13.04
O MSE C 61 -0.99 -7.01 -12.03
CB MSE C 61 1.30 -5.37 -12.86
CG MSE C 61 2.73 -5.69 -13.14
SE MSE C 61 3.85 -4.68 -12.00
CE MSE C 61 4.81 -3.71 -13.38
N GLY C 62 -2.05 -5.71 -13.54
CA GLY C 62 -3.34 -5.88 -12.88
C GLY C 62 -3.40 -5.19 -11.53
N MSE C 63 -2.62 -4.13 -11.36
CA MSE C 63 -2.64 -3.38 -10.11
C MSE C 63 -3.81 -2.40 -10.18
O MSE C 63 -4.22 -1.99 -11.26
CB MSE C 63 -1.33 -2.60 -9.93
CG MSE C 63 -1.14 -2.01 -8.53
SE MSE C 63 0.55 -1.11 -8.27
CE MSE C 63 1.75 -2.61 -8.59
N LYS C 64 -4.37 -2.06 -9.02
CA LYS C 64 -5.48 -1.11 -8.97
C LYS C 64 -4.92 0.28 -9.22
N LEU C 65 -5.72 1.15 -9.83
CA LEU C 65 -5.28 2.51 -10.16
C LEU C 65 -4.72 3.32 -9.00
N GLY C 66 -5.43 3.35 -7.87
CA GLY C 66 -4.96 4.11 -6.73
C GLY C 66 -3.53 3.73 -6.36
N PRO C 67 -3.27 2.45 -6.07
CA PRO C 67 -1.93 2.00 -5.72
C PRO C 67 -0.93 2.26 -6.84
N ALA C 68 -1.37 2.11 -8.09
CA ALA C 68 -0.48 2.35 -9.22
C ALA C 68 0.05 3.78 -9.17
N ARG C 69 -0.83 4.72 -8.85
CA ARG C 69 -0.43 6.13 -8.74
C ARG C 69 0.54 6.32 -7.58
N LYS C 70 0.33 5.56 -6.51
CA LYS C 70 1.20 5.67 -5.35
C LYS C 70 2.61 5.24 -5.70
N ILE C 71 2.71 4.16 -6.47
CA ILE C 71 4.01 3.64 -6.88
C ILE C 71 4.72 4.67 -7.77
N VAL C 72 4.01 5.18 -8.76
CA VAL C 72 4.58 6.18 -9.66
C VAL C 72 5.01 7.41 -8.86
N ALA C 73 4.17 7.83 -7.92
CA ALA C 73 4.48 9.00 -7.08
C ALA C 73 5.71 8.76 -6.21
N LYS C 74 5.84 7.54 -5.68
CA LYS C 74 6.98 7.19 -4.83
C LYS C 74 8.28 7.24 -5.64
N VAL C 75 8.22 6.77 -6.87
CA VAL C 75 9.41 6.80 -7.73
C VAL C 75 9.79 8.25 -7.97
N GLU C 76 8.81 9.07 -8.32
CA GLU C 76 9.05 10.48 -8.58
C GLU C 76 9.64 11.17 -7.34
N SER C 77 9.12 10.84 -6.16
CA SER C 77 9.60 11.44 -4.92
C SER C 77 11.06 11.10 -4.66
N ILE C 78 11.43 9.86 -4.95
CA ILE C 78 12.81 9.41 -4.75
C ILE C 78 13.73 10.00 -5.81
N PRO D 14 13.14 9.41 -40.21
CA PRO D 14 13.11 8.07 -39.59
C PRO D 14 12.10 7.16 -40.26
N ILE D 15 10.96 7.72 -40.64
CA ILE D 15 9.90 6.96 -41.30
C ILE D 15 10.40 6.25 -42.55
N ASP D 16 11.54 6.68 -43.06
CA ASP D 16 12.12 6.07 -44.25
C ASP D 16 13.24 5.09 -43.92
N TRP D 17 13.58 4.98 -42.65
CA TRP D 17 14.63 4.06 -42.24
C TRP D 17 14.26 2.63 -42.58
N THR D 18 15.27 1.81 -42.85
CA THR D 18 15.06 0.41 -43.17
C THR D 18 15.05 -0.38 -41.87
N ILE D 19 14.99 -1.70 -41.96
CA ILE D 19 14.97 -2.56 -40.79
C ILE D 19 16.31 -2.49 -40.06
N GLU D 20 17.39 -2.69 -40.80
CA GLU D 20 18.72 -2.65 -40.21
C GLU D 20 19.01 -1.28 -39.61
N GLU D 21 18.48 -0.24 -40.24
CA GLU D 21 18.68 1.13 -39.74
C GLU D 21 17.95 1.34 -38.43
N VAL D 22 16.82 0.68 -38.26
CA VAL D 22 16.05 0.80 -37.03
C VAL D 22 16.80 0.08 -35.92
N ILE D 23 17.30 -1.10 -36.24
CA ILE D 23 18.05 -1.91 -35.29
C ILE D 23 19.34 -1.20 -34.87
N GLN D 24 19.97 -0.50 -35.80
CA GLN D 24 21.20 0.22 -35.47
C GLN D 24 20.89 1.42 -34.58
N TYR D 25 19.74 2.05 -34.81
CA TYR D 25 19.36 3.20 -33.98
C TYR D 25 19.17 2.76 -32.53
N ILE D 26 18.42 1.68 -32.34
CA ILE D 26 18.15 1.16 -31.01
C ILE D 26 19.39 0.65 -30.28
N GLU D 27 20.19 -0.18 -30.96
CA GLU D 27 21.40 -0.71 -30.34
C GLU D 27 22.48 0.33 -30.12
N SER D 28 22.57 1.32 -31.01
CA SER D 28 23.58 2.36 -30.88
C SER D 28 23.32 3.25 -29.68
N ASN D 29 22.06 3.30 -29.25
CA ASN D 29 21.69 4.12 -28.11
C ASN D 29 21.62 3.28 -26.84
N ASP D 30 21.31 2.00 -26.99
CA ASP D 30 21.23 1.08 -25.87
C ASP D 30 21.72 -0.29 -26.34
N ASN D 31 23.00 -0.58 -26.10
CA ASN D 31 23.61 -1.83 -26.51
C ASN D 31 22.91 -3.05 -25.94
N SER D 32 22.31 -2.91 -24.76
CA SER D 32 21.63 -4.03 -24.12
C SER D 32 20.38 -4.46 -24.87
N LEU D 33 19.88 -3.60 -25.77
CA LEU D 33 18.70 -3.92 -26.54
C LEU D 33 19.03 -4.67 -27.82
N ALA D 34 20.32 -4.94 -28.03
CA ALA D 34 20.78 -5.65 -29.22
C ALA D 34 20.22 -7.07 -29.24
N VAL D 35 19.90 -7.59 -28.06
CA VAL D 35 19.36 -8.94 -27.93
C VAL D 35 18.04 -9.10 -28.67
N HIS D 36 17.42 -7.99 -29.03
CA HIS D 36 16.13 -8.00 -29.73
C HIS D 36 16.26 -7.83 -31.25
N GLY D 37 17.49 -7.74 -31.73
CA GLY D 37 17.71 -7.57 -33.15
C GLY D 37 16.92 -8.53 -34.03
N ASP D 38 17.07 -9.83 -33.78
CA ASP D 38 16.36 -10.84 -34.56
C ASP D 38 14.84 -10.66 -34.48
N LEU D 39 14.36 -10.27 -33.29
CA LEU D 39 12.93 -10.08 -33.11
C LEU D 39 12.41 -8.97 -34.02
N PHE D 40 13.17 -7.89 -34.14
CA PHE D 40 12.77 -6.78 -35.00
C PHE D 40 12.81 -7.18 -36.47
N ARG D 41 13.72 -8.09 -36.80
CA ARG D 41 13.83 -8.58 -38.16
C ARG D 41 12.63 -9.48 -38.46
N LYS D 42 12.28 -10.31 -37.48
CA LYS D 42 11.14 -11.22 -37.62
C LYS D 42 9.87 -10.44 -37.93
N HIS D 43 9.62 -9.39 -37.17
CA HIS D 43 8.43 -8.57 -37.34
C HIS D 43 8.61 -7.45 -38.37
N GLU D 44 9.76 -7.46 -39.06
CA GLU D 44 10.05 -6.47 -40.08
C GLU D 44 9.78 -5.04 -39.61
N ILE D 45 10.44 -4.66 -38.52
CA ILE D 45 10.25 -3.32 -37.98
C ILE D 45 11.09 -2.27 -38.69
N ASP D 46 10.50 -1.63 -39.69
CA ASP D 46 11.19 -0.58 -40.44
C ASP D 46 10.82 0.75 -39.81
N GLY D 47 11.32 1.84 -40.38
CA GLY D 47 11.03 3.15 -39.84
C GLY D 47 9.55 3.41 -39.67
N LYS D 48 8.77 2.99 -40.67
CA LYS D 48 7.32 3.18 -40.65
C LYS D 48 6.67 2.37 -39.54
N ALA D 49 7.14 1.14 -39.34
CA ALA D 49 6.59 0.26 -38.30
C ALA D 49 7.00 0.74 -36.91
N LEU D 50 8.26 1.15 -36.77
CA LEU D 50 8.77 1.61 -35.49
C LEU D 50 7.93 2.75 -34.94
N LEU D 51 7.68 3.74 -35.78
CA LEU D 51 6.90 4.91 -35.39
C LEU D 51 5.45 4.59 -35.01
N ARG D 52 4.96 3.41 -35.39
CA ARG D 52 3.59 3.02 -35.08
C ARG D 52 3.46 2.09 -33.88
N LEU D 53 4.59 1.75 -33.27
CA LEU D 53 4.59 0.86 -32.11
C LEU D 53 4.12 1.56 -30.83
N ASN D 54 3.83 0.74 -29.82
CA ASN D 54 3.43 1.22 -28.51
C ASN D 54 3.67 0.06 -27.56
N SER D 55 3.65 0.33 -26.26
CA SER D 55 3.90 -0.71 -25.26
C SER D 55 3.01 -1.96 -25.44
N GLU D 56 1.72 -1.73 -25.58
CA GLU D 56 0.74 -2.80 -25.74
C GLU D 56 1.03 -3.76 -26.89
N ARG D 57 1.20 -3.23 -28.10
CA ARG D 57 1.47 -4.10 -29.24
C ARG D 57 2.83 -4.80 -29.15
N MET D 58 3.84 -4.13 -28.60
CA MET D 58 5.15 -4.74 -28.46
C MET D 58 5.07 -5.98 -27.56
N MET D 59 4.33 -5.85 -26.47
CA MET D 59 4.18 -6.96 -25.53
C MET D 59 3.32 -8.09 -26.06
N LYS D 60 2.13 -7.74 -26.55
CA LYS D 60 1.20 -8.75 -27.04
C LYS D 60 1.51 -9.37 -28.40
N TYR D 61 2.13 -8.60 -29.29
CA TYR D 61 2.44 -9.12 -30.62
C TYR D 61 3.88 -9.60 -30.80
N MET D 62 4.84 -8.90 -30.20
CA MET D 62 6.24 -9.28 -30.33
C MET D 62 6.76 -10.07 -29.14
N GLY D 63 5.96 -10.12 -28.07
CA GLY D 63 6.37 -10.87 -26.89
C GLY D 63 7.42 -10.17 -26.06
N LEU D 64 7.61 -8.87 -26.29
CA LEU D 64 8.60 -8.11 -25.53
C LEU D 64 8.12 -7.87 -24.10
N LYS D 65 9.04 -7.88 -23.15
CA LYS D 65 8.68 -7.63 -21.76
C LYS D 65 8.45 -6.14 -21.61
N LEU D 66 7.70 -5.75 -20.57
CA LEU D 66 7.38 -4.35 -20.34
C LEU D 66 8.59 -3.44 -20.25
N GLY D 67 9.63 -3.87 -19.54
CA GLY D 67 10.83 -3.04 -19.42
C GLY D 67 11.40 -2.67 -20.77
N PRO D 68 11.77 -3.67 -21.60
CA PRO D 68 12.33 -3.42 -22.92
C PRO D 68 11.40 -2.55 -23.78
N ALA D 69 10.11 -2.85 -23.75
CA ALA D 69 9.13 -2.10 -24.53
C ALA D 69 9.13 -0.63 -24.13
N LEU D 70 9.18 -0.36 -22.83
CA LEU D 70 9.20 1.02 -22.35
C LEU D 70 10.44 1.72 -22.88
N LYS D 71 11.59 1.05 -22.79
CA LYS D 71 12.85 1.62 -23.26
C LYS D 71 12.78 1.92 -24.75
N ILE D 72 12.20 1.00 -25.52
CA ILE D 72 12.08 1.20 -26.95
C ILE D 72 11.17 2.40 -27.23
N CYS D 73 10.06 2.50 -26.51
CA CYS D 73 9.15 3.63 -26.69
C CYS D 73 9.88 4.93 -26.39
N ASN D 74 10.74 4.90 -25.38
CA ASN D 74 11.50 6.09 -25.01
C ASN D 74 12.40 6.52 -26.17
N LEU D 75 12.94 5.55 -26.91
CA LEU D 75 13.81 5.86 -28.04
C LEU D 75 13.00 6.34 -29.24
N VAL D 76 11.78 5.81 -29.39
CA VAL D 76 10.92 6.21 -30.50
C VAL D 76 10.46 7.65 -30.32
N ASN D 77 10.09 8.00 -29.08
CA ASN D 77 9.62 9.34 -28.77
C ASN D 77 10.64 10.42 -29.16
N LYS D 78 11.93 10.11 -28.98
CA LYS D 78 13.00 11.06 -29.30
C LYS D 78 13.04 11.44 -30.78
N VAL D 79 12.78 10.48 -31.66
CA VAL D 79 12.80 10.74 -33.10
C VAL D 79 11.39 10.80 -33.69
N ASN D 80 10.40 10.92 -32.83
CA ASN D 80 9.00 10.98 -33.27
C ASN D 80 8.68 12.35 -33.89
#